data_2FFS
#
_entry.id   2FFS
#
_cell.length_a   90.720
_cell.length_b   90.720
_cell.length_c   107.179
_cell.angle_alpha   90.00
_cell.angle_beta   90.00
_cell.angle_gamma   120.00
#
_symmetry.space_group_name_H-M   'P 65'
#
loop_
_entity.id
_entity.type
_entity.pdbx_description
1 polymer 'hypothetical protein PA1206'
2 water water
#
_entity_poly.entity_id   1
_entity_poly.type   'polypeptide(L)'
_entity_poly.pdbx_seq_one_letter_code
;(MSE)QFEHLVQVNDRTLVDLPVLDRLQLWEGLVCRAREPQYFVVGLERFEILVDDGDRLHRRLYLPGLVVEDEVVLKAP
DSAHYSIKPSAEVAGGSLD(MSE)TIEEPEPGSLFVRFAYCTRYLQPLGDELPYDAFVKQAYIA(MSE)DVETIATIRDR
FGASAASGS
;
_entity_poly.pdbx_strand_id   A,B
#
# COMPACT_ATOMS: atom_id res chain seq x y z
N MSE A 1 15.41 -0.71 3.19
N MSE A 1 16.50 -0.58 3.05
CA MSE A 1 15.98 0.32 4.15
CA MSE A 1 16.77 0.80 3.56
C MSE A 1 15.09 1.57 4.22
C MSE A 1 15.44 1.49 3.95
O MSE A 1 13.97 1.10 3.89
O MSE A 1 14.42 0.85 4.21
CB MSE A 1 17.44 0.67 3.86
CB MSE A 1 17.65 1.61 2.56
CG MSE A 1 18.43 -0.45 4.10
CG MSE A 1 17.00 2.03 1.20
SE MSE A 1 18.06 -1.67 5.62
SE MSE A 1 18.17 2.55 -0.39
CE MSE A 1 19.97 -2.61 5.68
CE MSE A 1 16.90 3.87 -1.30
N GLN A 2 15.54 2.82 3.99
CA GLN A 2 14.50 3.85 4.25
C GLN A 2 13.81 4.45 3.00
N PHE A 3 12.50 4.59 3.07
CA PHE A 3 11.73 5.32 2.07
C PHE A 3 11.01 6.42 2.77
N GLU A 4 11.04 7.60 2.21
CA GLU A 4 10.35 8.70 2.85
C GLU A 4 9.49 9.37 1.81
N HIS A 5 8.36 9.95 2.22
CA HIS A 5 7.37 10.50 1.31
C HIS A 5 6.58 11.58 2.01
N LEU A 6 6.44 12.73 1.37
CA LEU A 6 5.86 13.89 2.05
C LEU A 6 4.52 14.16 1.44
N VAL A 7 3.45 14.19 2.22
CA VAL A 7 2.14 14.47 1.64
C VAL A 7 1.72 15.85 2.04
N GLN A 8 1.34 16.67 1.07
CA GLN A 8 0.83 18.01 1.34
C GLN A 8 -0.62 17.93 1.83
N VAL A 9 -0.91 18.57 2.96
CA VAL A 9 -2.23 18.40 3.58
C VAL A 9 -3.36 19.30 3.01
N ASN A 10 -3.10 20.60 2.89
CA ASN A 10 -4.08 21.56 2.34
C ASN A 10 -3.66 22.12 0.97
N ASP A 11 -4.64 22.55 0.16
CA ASP A 11 -4.38 23.04 -1.23
C ASP A 11 -5.29 24.26 -1.58
N ARG A 12 -5.16 24.75 -2.82
CA ARG A 12 -6.06 25.77 -3.37
C ARG A 12 -7.12 25.04 -4.25
N THR A 13 -8.40 25.05 -3.83
CA THR A 13 -9.48 24.36 -4.59
C THR A 13 -10.88 24.91 -4.25
N LEU A 17 -12.73 20.78 -1.32
CA LEU A 17 -12.11 19.99 -0.27
C LEU A 17 -11.87 20.77 1.09
N PRO A 18 -11.99 20.06 2.25
CA PRO A 18 -11.87 20.64 3.61
C PRO A 18 -10.43 21.08 3.94
N VAL A 19 -10.27 22.25 4.55
CA VAL A 19 -8.98 22.70 5.08
C VAL A 19 -8.83 22.24 6.54
N LEU A 20 -7.59 22.08 7.01
CA LEU A 20 -7.30 21.56 8.33
C LEU A 20 -6.29 22.46 9.07
N ASP A 21 -6.43 22.57 10.38
CA ASP A 21 -5.44 23.28 11.17
C ASP A 21 -4.52 22.20 11.82
N ARG A 22 -3.47 22.65 12.51
CA ARG A 22 -2.44 21.77 13.03
C ARG A 22 -3.01 20.78 14.02
N LEU A 23 -3.87 21.27 14.87
CA LEU A 23 -4.37 20.41 15.91
C LEU A 23 -5.40 19.36 15.33
N GLN A 24 -6.19 19.77 14.33
CA GLN A 24 -7.11 18.81 13.70
C GLN A 24 -6.29 17.69 13.05
N LEU A 25 -5.20 18.04 12.37
CA LEU A 25 -4.38 17.00 11.72
C LEU A 25 -3.72 16.09 12.75
N TRP A 26 -3.21 16.68 13.82
CA TRP A 26 -2.80 15.90 14.98
C TRP A 26 -3.95 15.00 15.41
N GLU A 27 -5.15 15.50 15.64
CA GLU A 27 -6.21 14.57 16.09
C GLU A 27 -6.37 13.42 15.09
N GLY A 28 -6.21 13.75 13.81
CA GLY A 28 -6.20 12.73 12.75
C GLY A 28 -5.19 11.63 12.98
N LEU A 29 -3.95 11.99 13.31
CA LEU A 29 -2.93 10.97 13.52
C LEU A 29 -3.23 10.14 14.79
N VAL A 30 -3.78 10.76 15.85
CA VAL A 30 -4.13 10.00 17.02
C VAL A 30 -5.21 9.00 16.62
N CYS A 31 -6.17 9.51 15.87
CA CYS A 31 -7.25 8.71 15.37
C CYS A 31 -6.74 7.48 14.63
N ARG A 32 -5.75 7.66 13.75
CA ARG A 32 -5.20 6.52 13.05
C ARG A 32 -4.59 5.51 14.00
N ALA A 33 -4.03 5.96 15.11
CA ALA A 33 -3.42 5.03 16.08
C ALA A 33 -4.43 4.29 16.88
N ARG A 34 -5.47 4.97 17.37
CA ARG A 34 -6.44 4.39 18.28
C ARG A 34 -7.68 3.83 17.59
N GLU A 35 -7.95 4.24 16.35
CA GLU A 35 -9.13 3.77 15.66
C GLU A 35 -8.79 3.30 14.24
N PRO A 36 -7.99 2.21 14.15
CA PRO A 36 -7.45 1.80 12.84
C PRO A 36 -8.52 1.28 11.87
N GLN A 37 -9.70 0.98 12.38
CA GLN A 37 -10.77 0.54 11.48
C GLN A 37 -11.16 1.63 10.46
N TYR A 38 -10.82 2.90 10.70
CA TYR A 38 -11.17 3.93 9.69
C TYR A 38 -10.11 4.05 8.60
N PHE A 39 -8.96 3.42 8.80
CA PHE A 39 -7.82 3.59 7.89
C PHE A 39 -7.34 2.27 7.26
N VAL A 40 -7.72 1.12 7.80
CA VAL A 40 -6.96 -0.04 7.41
C VAL A 40 -7.88 -0.85 6.63
N VAL A 41 -7.71 -0.73 5.31
CA VAL A 41 -8.44 -1.56 4.36
C VAL A 41 -8.11 -3.05 4.67
N GLY A 42 -9.18 -3.78 4.99
CA GLY A 42 -9.07 -5.20 5.19
C GLY A 42 -9.28 -5.67 6.62
N LEU A 43 -8.92 -4.84 7.61
CA LEU A 43 -9.03 -5.18 9.06
C LEU A 43 -10.34 -5.84 9.47
N GLU A 44 -10.22 -6.92 10.23
CA GLU A 44 -11.43 -7.55 10.68
C GLU A 44 -11.70 -7.19 12.12
N ARG A 45 -10.64 -7.02 12.92
CA ARG A 45 -10.75 -6.53 14.32
C ARG A 45 -9.39 -6.03 14.84
N PHE A 46 -9.42 -5.35 15.97
CA PHE A 46 -8.21 -4.95 16.61
C PHE A 46 -8.38 -4.90 18.10
N GLU A 47 -7.26 -4.94 18.82
CA GLU A 47 -7.32 -4.74 20.26
C GLU A 47 -6.26 -3.71 20.66
N ILE A 48 -6.61 -2.82 21.59
CA ILE A 48 -5.57 -2.07 22.25
C ILE A 48 -5.20 -2.90 23.49
N LEU A 49 -4.08 -3.62 23.46
CA LEU A 49 -3.67 -4.51 24.56
C LEU A 49 -3.09 -3.72 25.72
N VAL A 50 -2.33 -2.68 25.42
CA VAL A 50 -1.78 -1.86 26.44
C VAL A 50 -1.95 -0.41 26.03
N ASP A 51 -2.56 0.35 26.93
CA ASP A 51 -2.81 1.74 26.66
C ASP A 51 -2.22 2.58 27.74
N ASP A 52 -1.05 3.17 27.47
CA ASP A 52 -0.39 4.07 28.40
C ASP A 52 -0.57 5.54 28.02
N GLY A 53 -1.52 5.83 27.13
CA GLY A 53 -1.85 7.22 26.80
C GLY A 53 -1.11 7.74 25.60
N ASP A 54 0.17 8.03 25.80
CA ASP A 54 1.06 8.31 24.70
C ASP A 54 1.73 7.04 24.07
N ARG A 55 1.40 5.86 24.57
CA ARG A 55 2.15 4.71 24.18
C ARG A 55 1.21 3.51 24.15
N LEU A 56 1.01 2.92 22.98
CA LEU A 56 0.08 1.82 22.88
C LEU A 56 0.72 0.59 22.27
N HIS A 57 0.35 -0.58 22.79
CA HIS A 57 0.70 -1.88 22.18
CA HIS A 57 0.71 -1.80 22.10
C HIS A 57 -0.59 -2.41 21.58
N ARG A 58 -0.57 -2.74 20.29
CA ARG A 58 -1.82 -3.18 19.64
C ARG A 58 -1.77 -4.46 18.84
N ARG A 59 -2.93 -5.02 18.63
CA ARG A 59 -2.98 -6.22 17.82
C ARG A 59 -3.99 -5.93 16.71
N LEU A 60 -3.55 -6.10 15.48
CA LEU A 60 -4.45 -5.95 14.33
C LEU A 60 -4.72 -7.28 13.67
N TYR A 61 -5.99 -7.52 13.37
CA TYR A 61 -6.39 -8.75 12.68
C TYR A 61 -6.74 -8.45 11.23
N LEU A 62 -5.81 -8.79 10.34
CA LEU A 62 -6.04 -8.70 8.90
C LEU A 62 -6.34 -10.08 8.30
N PRO A 63 -6.87 -10.14 7.07
CA PRO A 63 -7.21 -11.48 6.59
C PRO A 63 -5.96 -12.35 6.38
N GLY A 64 -5.98 -13.59 6.88
CA GLY A 64 -4.79 -14.42 6.86
C GLY A 64 -3.53 -13.84 7.51
N LEU A 65 -3.68 -12.85 8.41
CA LEU A 65 -2.52 -12.20 9.00
C LEU A 65 -2.77 -11.47 10.32
N VAL A 66 -2.02 -11.84 11.36
CA VAL A 66 -2.08 -11.09 12.62
C VAL A 66 -0.82 -10.24 12.80
N VAL A 67 -1.00 -8.97 13.14
CA VAL A 67 0.08 -8.06 13.38
C VAL A 67 0.02 -7.47 14.82
N GLU A 68 1.15 -7.43 15.53
CA GLU A 68 1.25 -6.73 16.78
C GLU A 68 2.26 -5.60 16.64
N ASP A 69 1.95 -4.43 17.21
CA ASP A 69 2.92 -3.38 17.16
C ASP A 69 2.79 -2.44 18.32
N GLU A 70 3.75 -1.52 18.40
CA GLU A 70 3.76 -0.49 19.40
C GLU A 70 3.62 0.84 18.68
N VAL A 71 3.00 1.80 19.33
CA VAL A 71 2.80 3.12 18.75
C VAL A 71 3.18 4.10 19.81
N VAL A 72 4.09 5.02 19.52
CA VAL A 72 4.42 6.12 20.44
C VAL A 72 3.87 7.46 19.89
N LEU A 73 3.11 8.17 20.70
CA LEU A 73 2.55 9.43 20.23
C LEU A 73 3.32 10.57 20.93
N LYS A 74 3.82 11.51 20.14
CA LYS A 74 4.36 12.73 20.68
C LYS A 74 3.57 13.96 20.22
N ALA A 75 2.59 14.36 21.02
CA ALA A 75 1.70 15.48 20.71
C ALA A 75 2.48 16.78 20.74
N PRO A 76 2.23 17.64 19.76
CA PRO A 76 1.36 17.36 18.61
C PRO A 76 2.16 17.22 17.32
N ASP A 77 3.10 16.29 17.25
CA ASP A 77 4.09 16.31 16.22
C ASP A 77 4.17 15.03 15.45
N SER A 78 4.09 13.89 16.15
CA SER A 78 4.35 12.67 15.47
C SER A 78 3.82 11.41 16.13
N ALA A 79 3.66 10.36 15.28
CA ALA A 79 3.27 9.05 15.66
C ALA A 79 4.32 8.10 15.13
N HIS A 80 4.88 7.25 16.00
CA HIS A 80 5.94 6.30 15.59
CA HIS A 80 5.94 6.32 15.60
C HIS A 80 5.45 4.88 15.80
N TYR A 81 5.35 4.10 14.72
CA TYR A 81 4.80 2.72 14.76
C TYR A 81 5.94 1.74 14.66
N SER A 82 6.01 0.71 15.46
CA SER A 82 7.10 -0.21 15.24
C SER A 82 6.77 -1.67 15.56
N ILE A 83 7.42 -2.59 14.84
CA ILE A 83 7.26 -4.00 15.03
C ILE A 83 8.60 -4.64 15.31
N LYS A 84 8.75 -5.38 16.40
CA LYS A 84 10.04 -6.08 16.60
C LYS A 84 10.15 -7.34 15.74
N PRO A 85 11.32 -7.58 15.12
CA PRO A 85 11.41 -8.72 14.27
C PRO A 85 11.69 -9.94 15.11
N SER A 86 11.36 -11.08 14.53
CA SER A 86 11.43 -12.36 15.15
C SER A 86 12.10 -13.26 14.13
N ALA A 87 12.13 -14.54 14.48
CA ALA A 87 12.62 -15.58 13.62
C ALA A 87 11.92 -15.54 12.28
N GLU A 88 10.60 -15.37 12.25
CA GLU A 88 9.93 -15.54 10.95
C GLU A 88 9.28 -14.29 10.37
N VAL A 89 9.07 -13.25 11.17
CA VAL A 89 8.68 -11.98 10.57
C VAL A 89 9.75 -10.89 10.70
N ALA A 90 9.79 -10.03 9.68
CA ALA A 90 10.71 -8.91 9.61
C ALA A 90 10.07 -7.79 10.36
N GLY A 91 10.90 -6.98 11.02
CA GLY A 91 10.39 -5.91 11.82
C GLY A 91 10.37 -4.67 10.98
N GLY A 92 10.08 -3.55 11.61
CA GLY A 92 10.22 -2.32 10.94
C GLY A 92 9.56 -1.19 11.69
N SER A 93 9.47 -0.05 11.04
CA SER A 93 8.89 1.08 11.70
C SER A 93 8.28 2.02 10.68
N LEU A 94 7.30 2.80 11.13
CA LEU A 94 6.74 3.85 10.32
C LEU A 94 6.70 5.12 11.22
N ASP A 95 7.27 6.22 10.78
CA ASP A 95 7.15 7.52 11.46
C ASP A 95 6.28 8.49 10.66
N MSE A 96 5.31 9.11 11.32
CA MSE A 96 4.50 10.17 10.73
C MSE A 96 4.77 11.46 11.46
O MSE A 96 4.54 11.53 12.67
CB MSE A 96 3.04 9.86 10.93
CG MSE A 96 2.60 8.93 9.98
SE MSE A 96 0.75 8.31 10.25
CE MSE A 96 0.93 6.62 9.36
N THR A 97 5.24 12.47 10.76
CA THR A 97 5.68 13.72 11.40
C THR A 97 5.01 14.88 10.75
N ILE A 98 4.43 15.76 11.55
CA ILE A 98 3.74 16.90 10.99
C ILE A 98 4.78 17.98 10.66
N GLU A 99 4.68 18.59 9.48
CA GLU A 99 5.56 19.69 9.14
C GLU A 99 4.73 20.88 8.77
N GLU A 100 5.16 22.04 9.20
CA GLU A 100 4.41 23.24 8.95
C GLU A 100 5.39 24.40 8.73
N PRO A 101 5.86 24.58 7.48
CA PRO A 101 6.76 25.69 7.05
C PRO A 101 6.18 27.05 7.37
N GLU A 102 4.86 27.09 7.44
CA GLU A 102 4.14 28.36 7.66
C GLU A 102 2.74 28.02 8.09
N PRO A 103 2.09 28.91 8.85
CA PRO A 103 0.78 28.61 9.42
C PRO A 103 -0.18 28.29 8.31
N GLY A 104 -0.94 27.22 8.49
CA GLY A 104 -1.84 26.70 7.49
C GLY A 104 -1.20 25.90 6.40
N SER A 105 0.10 26.06 6.19
CA SER A 105 0.77 25.18 5.25
C SER A 105 1.27 23.91 5.94
N LEU A 106 0.58 22.80 5.74
CA LEU A 106 0.84 21.57 6.53
C LEU A 106 1.23 20.39 5.66
N PHE A 107 2.12 19.55 6.16
CA PHE A 107 2.63 18.40 5.43
C PHE A 107 2.75 17.30 6.45
N VAL A 108 2.65 16.05 6.01
CA VAL A 108 3.02 14.95 6.85
C VAL A 108 4.08 14.11 6.12
N ARG A 109 5.26 14.00 6.72
CA ARG A 109 6.30 13.11 6.25
C ARG A 109 6.05 11.72 6.76
N PHE A 110 6.03 10.74 5.87
CA PHE A 110 5.92 9.32 6.22
C PHE A 110 7.26 8.66 6.00
N ALA A 111 7.81 8.07 7.04
CA ALA A 111 9.14 7.46 6.86
C ALA A 111 9.13 5.96 7.21
N TYR A 112 9.56 5.09 6.31
CA TYR A 112 9.47 3.66 6.57
C TYR A 112 10.83 3.02 6.68
N CYS A 113 10.93 2.01 7.53
CA CYS A 113 12.14 1.23 7.74
CA CYS A 113 12.11 1.19 7.50
C CYS A 113 11.75 -0.23 7.83
N THR A 114 12.67 -1.14 7.52
CA THR A 114 12.54 -2.55 7.71
C THR A 114 13.80 -2.97 8.49
N ARG A 115 13.67 -3.78 9.55
CA ARG A 115 14.85 -4.47 10.09
C ARG A 115 14.70 -6.02 10.20
N TYR A 116 15.80 -6.76 10.08
CA TYR A 116 15.73 -8.21 10.31
C TYR A 116 16.51 -8.58 11.55
N LEU A 117 16.35 -9.79 12.07
CA LEU A 117 17.22 -10.23 13.15
C LEU A 117 18.70 -10.32 12.69
N GLN A 118 19.01 -11.12 11.68
CA GLN A 118 20.35 -11.11 11.07
C GLN A 118 20.28 -10.26 9.78
N PRO A 119 21.40 -9.60 9.37
CA PRO A 119 21.35 -8.57 8.32
C PRO A 119 21.92 -8.98 6.95
N ASP A 122 26.10 -4.66 2.44
CA ASP A 122 25.08 -4.33 1.45
C ASP A 122 23.84 -3.76 2.16
N GLU A 123 23.50 -2.50 1.84
CA GLU A 123 22.26 -1.81 2.28
C GLU A 123 21.18 -2.05 1.19
N LEU A 124 19.91 -2.11 1.57
CA LEU A 124 18.89 -2.77 0.72
C LEU A 124 17.70 -1.89 0.31
N PRO A 125 17.53 -1.60 -1.00
CA PRO A 125 16.43 -0.68 -1.32
C PRO A 125 15.05 -1.42 -1.42
N TYR A 126 13.95 -0.73 -1.08
CA TYR A 126 12.63 -1.16 -1.49
C TYR A 126 12.46 -1.09 -3.01
N ASP A 127 11.75 -2.06 -3.61
CA ASP A 127 11.33 -1.94 -5.01
C ASP A 127 10.13 -0.98 -5.18
N ALA A 128 9.77 -0.74 -6.43
CA ALA A 128 8.77 0.32 -6.67
C ALA A 128 7.32 -0.12 -6.39
N PHE A 129 7.03 -1.40 -6.51
CA PHE A 129 5.73 -1.90 -6.03
C PHE A 129 5.48 -1.58 -4.62
N VAL A 130 6.53 -1.66 -3.79
CA VAL A 130 6.38 -1.31 -2.40
C VAL A 130 6.26 0.19 -2.29
N LYS A 131 7.09 0.93 -3.01
CA LYS A 131 7.01 2.40 -2.87
C LYS A 131 5.66 2.90 -3.31
N GLN A 132 5.15 2.35 -4.39
CA GLN A 132 3.85 2.76 -4.91
C GLN A 132 2.79 2.41 -3.89
N ALA A 133 2.91 1.28 -3.21
CA ALA A 133 1.88 0.93 -2.23
C ALA A 133 1.97 1.81 -1.01
N TYR A 134 3.15 2.31 -0.65
CA TYR A 134 3.23 3.13 0.54
C TYR A 134 2.64 4.48 0.25
N ILE A 135 3.06 5.04 -0.89
CA ILE A 135 2.51 6.26 -1.43
C ILE A 135 0.98 6.18 -1.41
N ALA A 136 0.40 5.15 -2.00
CA ALA A 136 -1.07 5.01 -1.91
C ALA A 136 -1.62 5.08 -0.47
N MSE A 137 -1.01 4.36 0.46
CA MSE A 137 -1.56 4.40 1.80
C MSE A 137 -1.47 5.74 2.45
O MSE A 137 -2.45 6.15 3.09
CB MSE A 137 -0.89 3.41 2.68
CG MSE A 137 -1.58 2.09 2.58
SE MSE A 137 -1.46 1.47 4.36
CE MSE A 137 0.52 2.09 4.91
N ASP A 138 -0.30 6.42 2.29
CA ASP A 138 -0.13 7.69 2.93
C ASP A 138 -1.15 8.74 2.41
N VAL A 139 -1.36 8.78 1.11
CA VAL A 139 -2.34 9.64 0.52
C VAL A 139 -3.77 9.28 1.01
N GLU A 140 -4.13 7.99 1.02
CA GLU A 140 -5.44 7.63 1.61
C GLU A 140 -5.53 8.01 3.11
N THR A 141 -4.44 7.94 3.86
CA THR A 141 -4.52 8.31 5.24
C THR A 141 -4.86 9.80 5.40
N ILE A 142 -4.19 10.65 4.63
CA ILE A 142 -4.45 12.06 4.73
C ILE A 142 -5.86 12.33 4.21
N ALA A 143 -6.31 11.58 3.22
CA ALA A 143 -7.65 11.84 2.67
C ALA A 143 -8.65 11.56 3.78
N THR A 144 -8.51 10.43 4.46
CA THR A 144 -9.40 10.06 5.54
C THR A 144 -9.44 11.12 6.69
N ILE A 145 -8.27 11.57 7.11
CA ILE A 145 -8.21 12.57 8.13
C ILE A 145 -9.01 13.80 7.65
N ARG A 146 -8.68 14.28 6.46
CA ARG A 146 -9.36 15.43 5.88
C ARG A 146 -10.86 15.20 5.88
N ASP A 147 -11.34 13.98 5.63
CA ASP A 147 -12.80 13.82 5.59
C ASP A 147 -13.37 13.79 6.98
N ARG A 148 -12.69 13.16 7.92
CA ARG A 148 -13.19 13.10 9.29
C ARG A 148 -12.99 14.35 10.15
N PHE A 149 -11.97 15.18 9.85
CA PHE A 149 -11.57 16.30 10.74
C PHE A 149 -11.54 17.65 10.07
N GLY A 150 -11.76 17.70 8.78
CA GLY A 150 -12.19 18.97 8.16
C GLY A 150 -13.68 19.13 8.50
N ALA A 151 -14.38 18.00 8.76
CA ALA A 151 -15.85 17.93 9.06
C ALA A 151 -16.34 18.36 10.48
N MSE B 1 12.02 -13.93 -1.13
CA MSE B 1 10.98 -12.94 -0.66
C MSE B 1 9.62 -12.90 -1.42
O MSE B 1 9.49 -12.14 -2.38
CB MSE B 1 11.59 -11.53 -0.65
CG MSE B 1 10.78 -10.45 0.10
SE MSE B 1 12.15 -9.24 0.80
CE MSE B 1 11.22 -7.64 1.78
N GLN B 2 8.63 -13.70 -0.99
CA GLN B 2 7.39 -13.89 -1.75
C GLN B 2 6.18 -13.59 -0.87
N PHE B 3 5.28 -12.72 -1.30
CA PHE B 3 4.01 -12.52 -0.59
C PHE B 3 2.83 -12.79 -1.50
N GLU B 4 1.84 -13.48 -1.00
CA GLU B 4 0.67 -13.85 -1.77
C GLU B 4 -0.62 -13.55 -1.01
N HIS B 5 -1.60 -12.97 -1.70
CA HIS B 5 -2.91 -12.58 -1.12
C HIS B 5 -4.00 -12.96 -2.12
N LEU B 6 -5.03 -13.67 -1.67
CA LEU B 6 -6.12 -14.11 -2.58
C LEU B 6 -7.30 -13.18 -2.34
N VAL B 7 -7.82 -12.52 -3.35
CA VAL B 7 -8.94 -11.64 -3.10
C VAL B 7 -10.19 -12.28 -3.68
N GLN B 8 -11.23 -12.45 -2.87
CA GLN B 8 -12.50 -13.00 -3.34
C GLN B 8 -13.25 -11.93 -4.15
N VAL B 9 -13.65 -12.26 -5.37
CA VAL B 9 -14.26 -11.26 -6.24
C VAL B 9 -15.77 -10.98 -5.99
N ASN B 10 -16.58 -12.04 -5.87
CA ASN B 10 -18.03 -11.94 -5.65
C ASN B 10 -18.40 -12.48 -4.27
N ASP B 11 -19.51 -11.98 -3.69
CA ASP B 11 -20.01 -12.42 -2.37
C ASP B 11 -21.54 -12.42 -2.37
N ARG B 12 -22.18 -12.86 -1.27
CA ARG B 12 -23.65 -12.74 -1.13
C ARG B 12 -24.01 -11.51 -0.28
N THR B 13 -24.67 -10.55 -0.95
CA THR B 13 -24.91 -9.19 -0.43
C THR B 13 -26.17 -8.55 -1.08
N ASP B 16 -26.33 -5.18 -2.63
CA ASP B 16 -25.69 -3.87 -2.69
C ASP B 16 -24.64 -3.78 -3.80
N LEU B 17 -23.62 -4.64 -3.76
CA LEU B 17 -22.51 -4.62 -4.75
C LEU B 17 -22.78 -5.41 -6.07
N PRO B 18 -22.15 -4.98 -7.19
CA PRO B 18 -22.36 -5.72 -8.46
C PRO B 18 -21.54 -7.02 -8.62
N VAL B 19 -22.14 -8.00 -9.31
CA VAL B 19 -21.57 -9.32 -9.59
C VAL B 19 -20.70 -9.25 -10.85
N LEU B 20 -19.70 -10.13 -10.97
CA LEU B 20 -18.73 -10.11 -12.09
C LEU B 20 -18.60 -11.47 -12.77
N ASP B 21 -18.61 -11.53 -14.10
CA ASP B 21 -18.27 -12.76 -14.80
C ASP B 21 -16.77 -12.78 -15.08
N ARG B 22 -16.27 -13.89 -15.59
CA ARG B 22 -14.85 -14.08 -15.74
C ARG B 22 -14.24 -13.11 -16.76
N LEU B 23 -14.93 -12.90 -17.87
CA LEU B 23 -14.43 -12.01 -18.91
C LEU B 23 -14.47 -10.53 -18.46
N GLN B 24 -15.43 -10.19 -17.60
CA GLN B 24 -15.54 -8.86 -17.07
C GLN B 24 -14.42 -8.63 -16.13
N LEU B 25 -14.11 -9.65 -15.33
CA LEU B 25 -12.97 -9.58 -14.39
C LEU B 25 -11.66 -9.39 -15.12
N TRP B 26 -11.48 -10.20 -16.17
CA TRP B 26 -10.37 -10.08 -17.09
C TRP B 26 -10.26 -8.67 -17.69
N GLU B 27 -11.36 -8.09 -18.14
CA GLU B 27 -11.28 -6.73 -18.72
C GLU B 27 -10.78 -5.79 -17.65
N GLY B 28 -11.18 -6.04 -16.42
CA GLY B 28 -10.65 -5.29 -15.31
C GLY B 28 -9.12 -5.30 -15.23
N LEU B 29 -8.50 -6.49 -15.36
CA LEU B 29 -7.05 -6.62 -15.22
C LEU B 29 -6.36 -5.91 -16.37
N VAL B 30 -6.96 -5.98 -17.57
CA VAL B 30 -6.44 -5.29 -18.72
C VAL B 30 -6.49 -3.77 -18.40
N CYS B 31 -7.65 -3.33 -17.95
CA CYS B 31 -7.84 -1.95 -17.62
C CYS B 31 -6.80 -1.42 -16.64
N ARG B 32 -6.37 -2.29 -15.72
CA ARG B 32 -5.47 -1.93 -14.68
C ARG B 32 -4.11 -1.71 -15.34
N ALA B 33 -3.76 -2.59 -16.28
CA ALA B 33 -2.56 -2.48 -17.08
C ALA B 33 -2.51 -1.29 -18.08
N ARG B 34 -3.61 -1.02 -18.77
CA ARG B 34 -3.63 0.03 -19.82
C ARG B 34 -4.07 1.40 -19.34
N GLU B 35 -4.76 1.45 -18.21
CA GLU B 35 -5.34 2.68 -17.73
C GLU B 35 -5.09 2.81 -16.24
N PRO B 36 -3.81 2.83 -15.84
CA PRO B 36 -3.46 2.87 -14.42
C PRO B 36 -3.95 4.15 -13.66
N GLN B 37 -4.34 5.19 -14.37
CA GLN B 37 -4.85 6.38 -13.63
C GLN B 37 -6.11 6.04 -12.81
N TYR B 38 -6.77 4.93 -13.10
CA TYR B 38 -8.01 4.59 -12.41
C TYR B 38 -7.69 3.76 -11.16
N PHE B 39 -6.46 3.32 -11.02
CA PHE B 39 -6.07 2.43 -9.91
C PHE B 39 -4.87 2.89 -9.10
N VAL B 40 -4.14 3.89 -9.58
CA VAL B 40 -2.94 4.23 -8.87
C VAL B 40 -3.08 5.61 -8.24
N VAL B 41 -3.37 5.57 -6.94
CA VAL B 41 -3.40 6.74 -6.11
C VAL B 41 -2.01 7.42 -6.16
N GLY B 42 -2.03 8.69 -6.56
CA GLY B 42 -0.83 9.45 -6.60
C GLY B 42 -0.31 9.74 -7.97
N LEU B 43 -0.61 8.87 -8.94
CA LEU B 43 -0.08 8.97 -10.29
C LEU B 43 -0.31 10.34 -10.87
N GLU B 44 0.68 10.89 -11.59
CA GLU B 44 0.57 12.23 -12.16
C GLU B 44 0.38 12.12 -13.67
N ARG B 45 1.07 11.16 -14.28
CA ARG B 45 0.83 10.79 -15.67
C ARG B 45 1.54 9.48 -15.97
N PHE B 46 1.33 8.97 -17.18
CA PHE B 46 1.98 7.74 -17.58
C PHE B 46 2.06 7.65 -19.06
N GLU B 47 3.07 6.96 -19.57
CA GLU B 47 3.18 6.70 -21.00
C GLU B 47 3.07 5.22 -21.25
N ILE B 48 2.56 4.86 -22.41
CA ILE B 48 2.75 3.51 -22.85
C ILE B 48 3.86 3.65 -23.89
N LEU B 49 5.10 3.31 -23.52
CA LEU B 49 6.27 3.49 -24.38
C LEU B 49 6.29 2.46 -25.53
N VAL B 50 5.97 1.21 -25.22
CA VAL B 50 5.87 0.18 -26.24
C VAL B 50 4.58 -0.58 -25.97
N ASP B 51 3.84 -0.80 -27.05
CA ASP B 51 2.57 -1.54 -26.98
C ASP B 51 2.59 -2.63 -28.03
N ASP B 52 2.93 -3.86 -27.62
CA ASP B 52 2.84 -5.05 -28.50
C ASP B 52 1.56 -5.86 -28.26
N GLY B 53 0.53 -5.24 -27.65
CA GLY B 53 -0.76 -5.94 -27.50
C GLY B 53 -0.89 -6.65 -26.17
N ASP B 54 -0.30 -7.84 -26.09
CA ASP B 54 -0.19 -8.60 -24.85
C ASP B 54 1.09 -8.27 -24.03
N ARG B 55 1.87 -7.31 -24.48
CA ARG B 55 3.17 -7.05 -23.88
C ARG B 55 3.33 -5.53 -23.93
N LEU B 56 3.40 -4.89 -22.76
CA LEU B 56 3.54 -3.44 -22.65
C LEU B 56 4.80 -3.00 -21.87
N HIS B 57 5.44 -1.93 -22.31
CA HIS B 57 6.49 -1.30 -21.52
C HIS B 57 6.00 0.09 -21.20
N ARG B 58 5.95 0.43 -19.90
CA ARG B 58 5.34 1.71 -19.44
C ARG B 58 6.24 2.64 -18.59
N ARG B 59 5.94 3.93 -18.63
CA ARG B 59 6.51 4.81 -17.64
C ARG B 59 5.40 5.35 -16.75
N LEU B 60 5.65 5.29 -15.44
CA LEU B 60 4.74 5.77 -14.41
C LEU B 60 5.34 6.97 -13.68
N TYR B 61 4.63 8.10 -13.70
CA TYR B 61 5.10 9.29 -12.99
C TYR B 61 4.33 9.47 -11.69
N LEU B 62 4.95 9.05 -10.58
CA LEU B 62 4.41 9.23 -9.23
C LEU B 62 5.10 10.41 -8.56
N PRO B 63 4.52 10.96 -7.47
CA PRO B 63 5.20 12.15 -6.87
C PRO B 63 6.62 11.79 -6.35
N GLY B 64 7.59 12.59 -6.78
CA GLY B 64 9.00 12.35 -6.47
C GLY B 64 9.55 10.99 -6.90
N LEU B 65 8.94 10.35 -7.91
CA LEU B 65 9.44 9.07 -8.38
C LEU B 65 8.94 8.64 -9.78
N VAL B 66 9.87 8.36 -10.70
CA VAL B 66 9.52 7.72 -11.99
C VAL B 66 9.91 6.24 -12.08
N VAL B 67 8.94 5.42 -12.51
CA VAL B 67 9.05 3.96 -12.60
C VAL B 67 8.82 3.52 -14.04
N GLU B 68 9.73 2.71 -14.59
CA GLU B 68 9.48 1.97 -15.81
C GLU B 68 9.23 0.49 -15.53
N ASP B 69 8.20 -0.09 -16.17
CA ASP B 69 7.96 -1.51 -16.02
C ASP B 69 7.49 -2.16 -17.31
N GLU B 70 7.39 -3.49 -17.26
CA GLU B 70 6.91 -4.30 -18.36
C GLU B 70 5.74 -5.03 -17.80
N VAL B 71 4.71 -5.24 -18.62
CA VAL B 71 3.51 -5.92 -18.21
C VAL B 71 3.21 -6.92 -19.30
N VAL B 72 3.00 -8.17 -18.92
CA VAL B 72 2.70 -9.19 -19.86
C VAL B 72 1.30 -9.68 -19.60
N LEU B 73 0.46 -9.65 -20.63
CA LEU B 73 -0.94 -10.08 -20.45
C LEU B 73 -1.18 -11.42 -21.12
N LYS B 74 -1.76 -12.32 -20.34
CA LYS B 74 -2.19 -13.58 -20.88
C LYS B 74 -3.68 -13.80 -20.68
N ALA B 75 -4.40 -13.48 -21.75
CA ALA B 75 -5.84 -13.61 -21.76
C ALA B 75 -6.32 -15.05 -21.77
N PRO B 76 -7.37 -15.34 -21.00
CA PRO B 76 -7.99 -14.39 -20.07
C PRO B 76 -7.71 -14.74 -18.60
N ASP B 77 -6.44 -14.87 -18.24
CA ASP B 77 -6.04 -15.50 -16.97
C ASP B 77 -5.18 -14.63 -16.11
N SER B 78 -4.29 -13.84 -16.70
CA SER B 78 -3.30 -13.21 -15.83
C SER B 78 -2.50 -12.08 -16.39
N ALA B 79 -1.96 -11.31 -15.45
CA ALA B 79 -1.14 -10.16 -15.74
C ALA B 79 0.16 -10.18 -14.92
N HIS B 80 1.32 -10.05 -15.56
CA HIS B 80 2.63 -10.15 -14.85
CA HIS B 80 2.59 -10.10 -14.85
C HIS B 80 3.35 -8.76 -14.99
N TYR B 81 3.60 -8.05 -13.90
CA TYR B 81 4.26 -6.74 -13.93
C TYR B 81 5.68 -7.00 -13.46
N SER B 82 6.68 -6.42 -14.10
CA SER B 82 8.01 -6.66 -13.62
C SER B 82 8.92 -5.46 -13.83
N ILE B 83 9.84 -5.29 -12.89
CA ILE B 83 10.87 -4.27 -12.96
C ILE B 83 12.20 -4.97 -12.92
N LYS B 84 13.06 -4.70 -13.90
CA LYS B 84 14.45 -5.17 -13.83
C LYS B 84 15.23 -4.31 -12.84
N PRO B 85 16.01 -4.97 -11.96
CA PRO B 85 16.79 -4.22 -10.97
C PRO B 85 17.97 -3.61 -11.66
N SER B 86 18.45 -2.48 -11.13
CA SER B 86 19.76 -1.92 -11.53
C SER B 86 20.56 -1.54 -10.29
N ALA B 87 21.56 -0.69 -10.50
CA ALA B 87 22.45 -0.25 -9.42
C ALA B 87 21.68 0.42 -8.27
N GLU B 88 20.76 1.31 -8.63
CA GLU B 88 20.00 2.15 -7.69
C GLU B 88 18.67 1.56 -7.23
N VAL B 89 17.94 0.98 -8.18
CA VAL B 89 16.56 0.42 -7.95
C VAL B 89 16.54 -1.11 -7.70
N ALA B 90 15.70 -1.57 -6.78
CA ALA B 90 15.53 -3.00 -6.60
C ALA B 90 14.48 -3.37 -7.59
N GLY B 91 14.60 -4.60 -8.10
CA GLY B 91 13.66 -5.08 -9.10
C GLY B 91 12.54 -5.83 -8.44
N GLY B 92 11.71 -6.47 -9.24
CA GLY B 92 10.66 -7.24 -8.63
C GLY B 92 9.53 -7.51 -9.57
N SER B 93 8.51 -8.20 -9.05
CA SER B 93 7.37 -8.53 -9.87
C SER B 93 6.08 -8.62 -9.12
N LEU B 94 4.99 -8.41 -9.83
CA LEU B 94 3.67 -8.71 -9.34
C LEU B 94 2.93 -9.58 -10.38
N ASP B 95 2.30 -10.66 -9.92
CA ASP B 95 1.42 -11.48 -10.76
C ASP B 95 -0.03 -11.34 -10.28
N MSE B 96 -0.98 -11.08 -11.17
CA MSE B 96 -2.41 -11.18 -10.82
C MSE B 96 -3.03 -12.26 -11.66
O MSE B 96 -3.02 -12.22 -12.90
CB MSE B 96 -3.17 -9.91 -11.13
CG MSE B 96 -2.49 -8.74 -10.73
SE MSE B 96 -3.51 -7.07 -10.99
CE MSE B 96 -5.32 -7.73 -10.64
N THR B 97 -3.59 -13.25 -10.98
CA THR B 97 -4.04 -14.44 -11.66
C THR B 97 -5.47 -14.75 -11.30
N ILE B 98 -6.30 -14.97 -12.29
CA ILE B 98 -7.69 -15.22 -12.03
C ILE B 98 -7.76 -16.64 -11.57
N GLU B 99 -8.47 -16.85 -10.48
CA GLU B 99 -8.79 -18.21 -10.13
C GLU B 99 -10.27 -18.46 -10.05
N GLU B 100 -10.68 -19.62 -10.50
CA GLU B 100 -12.09 -19.93 -10.62
C GLU B 100 -12.38 -21.36 -10.22
N PRO B 101 -12.44 -21.63 -8.89
CA PRO B 101 -12.81 -22.98 -8.40
C PRO B 101 -14.20 -23.50 -8.84
N GLU B 102 -15.07 -22.60 -9.31
CA GLU B 102 -16.38 -22.98 -9.92
C GLU B 102 -17.00 -21.74 -10.55
N PRO B 103 -17.95 -21.94 -11.50
CA PRO B 103 -18.46 -20.80 -12.31
C PRO B 103 -19.11 -19.74 -11.39
N GLY B 104 -18.66 -18.49 -11.50
CA GLY B 104 -19.20 -17.43 -10.65
C GLY B 104 -18.36 -17.29 -9.41
N SER B 105 -17.72 -18.39 -9.01
CA SER B 105 -16.74 -18.33 -7.88
C SER B 105 -15.34 -17.85 -8.32
N LEU B 106 -15.13 -16.53 -8.34
CA LEU B 106 -13.88 -15.96 -8.86
C LEU B 106 -12.98 -15.37 -7.77
N PHE B 107 -11.66 -15.51 -7.94
CA PHE B 107 -10.72 -15.01 -6.98
C PHE B 107 -9.64 -14.45 -7.85
N VAL B 108 -8.86 -13.52 -7.31
CA VAL B 108 -7.64 -13.08 -7.96
C VAL B 108 -6.49 -13.26 -6.94
N ARG B 109 -5.46 -13.98 -7.37
CA ARG B 109 -4.30 -14.15 -6.52
C ARG B 109 -3.32 -13.08 -6.91
N PHE B 110 -2.86 -12.29 -5.93
CA PHE B 110 -1.78 -11.33 -6.16
C PHE B 110 -0.50 -11.88 -5.56
N ALA B 111 0.53 -12.00 -6.38
CA ALA B 111 1.76 -12.61 -5.95
C ALA B 111 2.88 -11.60 -6.07
N TYR B 112 3.58 -11.26 -5.00
CA TYR B 112 4.61 -10.22 -5.06
C TYR B 112 5.96 -10.80 -4.80
N CYS B 113 6.94 -10.26 -5.50
CA CYS B 113 8.27 -10.73 -5.27
C CYS B 113 9.24 -9.58 -5.51
N THR B 114 10.45 -9.69 -4.93
CA THR B 114 11.45 -8.64 -4.93
C THR B 114 12.77 -9.30 -5.27
N ARG B 115 13.51 -8.75 -6.24
CA ARG B 115 14.89 -9.23 -6.56
C ARG B 115 15.92 -8.07 -6.47
N TYR B 116 17.15 -8.40 -6.05
CA TYR B 116 18.24 -7.41 -6.04
C TYR B 116 19.34 -7.78 -7.08
N LEU B 117 20.19 -6.84 -7.50
CA LEU B 117 21.38 -7.22 -8.32
C LEU B 117 22.25 -8.16 -7.45
N GLN B 118 22.49 -7.74 -6.20
CA GLN B 118 23.22 -8.49 -5.17
C GLN B 118 22.31 -9.47 -4.38
N PRO B 119 22.90 -10.40 -3.62
CA PRO B 119 22.03 -11.34 -2.92
C PRO B 119 21.90 -10.98 -1.44
N ASP B 122 20.65 -16.63 3.08
CA ASP B 122 19.52 -16.08 3.81
C ASP B 122 18.44 -15.65 2.84
N GLU B 123 17.25 -16.23 3.01
CA GLU B 123 16.03 -15.80 2.31
C GLU B 123 15.29 -14.80 3.19
N LEU B 124 14.66 -13.77 2.60
CA LEU B 124 14.20 -12.64 3.43
C LEU B 124 12.70 -12.39 3.40
N PRO B 125 12.09 -12.28 4.57
CA PRO B 125 10.66 -11.98 4.59
C PRO B 125 10.30 -10.46 4.47
N TYR B 126 9.16 -10.14 3.86
CA TYR B 126 8.54 -8.81 3.96
C TYR B 126 8.11 -8.55 5.38
N ASP B 127 8.00 -7.28 5.76
CA ASP B 127 7.47 -6.95 7.06
C ASP B 127 6.00 -6.60 6.93
N ALA B 128 5.31 -6.45 8.07
CA ALA B 128 3.83 -6.34 8.06
C ALA B 128 3.29 -5.00 7.56
N PHE B 129 4.09 -3.93 7.65
CA PHE B 129 3.75 -2.68 6.96
C PHE B 129 3.62 -2.90 5.47
N VAL B 130 4.57 -3.64 4.89
CA VAL B 130 4.50 -3.88 3.47
C VAL B 130 3.33 -4.80 3.22
N LYS B 131 3.19 -5.87 3.98
CA LYS B 131 2.07 -6.76 3.68
C LYS B 131 0.74 -6.00 3.81
N GLN B 132 0.63 -5.15 4.83
CA GLN B 132 -0.58 -4.39 5.03
C GLN B 132 -0.80 -3.52 3.78
N ALA B 133 0.20 -2.78 3.36
CA ALA B 133 0.03 -1.97 2.13
C ALA B 133 -0.35 -2.77 0.86
N TYR B 134 0.14 -4.00 0.72
CA TYR B 134 -0.20 -4.81 -0.44
C TYR B 134 -1.66 -5.27 -0.44
N ILE B 135 -2.08 -5.86 0.66
CA ILE B 135 -3.44 -6.17 0.87
C ILE B 135 -4.30 -4.97 0.60
N ALA B 136 -4.01 -3.83 1.16
CA ALA B 136 -4.88 -2.67 0.86
C ALA B 136 -5.02 -2.44 -0.65
N MSE B 137 -3.92 -2.40 -1.36
CA MSE B 137 -3.98 -2.13 -2.76
C MSE B 137 -4.69 -3.20 -3.56
O MSE B 137 -5.45 -2.88 -4.46
CB MSE B 137 -2.59 -2.00 -3.28
CG MSE B 137 -2.06 -0.61 -3.06
SE MSE B 137 -1.34 -0.23 -4.78
CE MSE B 137 -2.67 1.27 -5.33
N ASP B 138 -4.44 -4.49 -3.25
CA ASP B 138 -5.12 -5.58 -3.97
C ASP B 138 -6.65 -5.50 -3.81
N VAL B 139 -7.08 -5.17 -2.60
CA VAL B 139 -8.49 -4.98 -2.30
C VAL B 139 -9.06 -3.76 -3.03
N GLU B 140 -8.43 -2.60 -2.96
CA GLU B 140 -8.89 -1.46 -3.75
C GLU B 140 -8.93 -1.77 -5.24
N THR B 141 -7.96 -2.53 -5.73
CA THR B 141 -7.96 -2.84 -7.13
C THR B 141 -9.25 -3.61 -7.50
N ILE B 142 -9.59 -4.64 -6.74
CA ILE B 142 -10.75 -5.43 -7.09
C ILE B 142 -11.97 -4.58 -6.88
N ALA B 143 -12.00 -3.74 -5.86
CA ALA B 143 -13.17 -2.88 -5.70
C ALA B 143 -13.36 -1.97 -6.92
N THR B 144 -12.28 -1.42 -7.45
CA THR B 144 -12.40 -0.54 -8.60
C THR B 144 -12.90 -1.31 -9.85
N ILE B 145 -12.36 -2.50 -10.08
CA ILE B 145 -12.78 -3.30 -11.20
C ILE B 145 -14.26 -3.62 -11.05
N ARG B 146 -14.66 -4.00 -9.83
CA ARG B 146 -16.07 -4.25 -9.52
C ARG B 146 -16.92 -2.99 -9.75
N ASP B 147 -16.34 -1.82 -9.66
CA ASP B 147 -17.20 -0.67 -9.76
C ASP B 147 -17.26 -0.18 -11.23
N ARG B 148 -16.19 -0.38 -11.99
CA ARG B 148 -16.21 -0.02 -13.40
C ARG B 148 -16.86 -1.08 -14.32
N PHE B 149 -16.78 -2.37 -13.96
CA PHE B 149 -17.15 -3.48 -14.84
C PHE B 149 -18.21 -4.36 -14.14
#